data_4UBZ
# 
_entry.id   4UBZ 
# 
_audit_conform.dict_name       mmcif_pdbx.dic 
_audit_conform.dict_version    5.383 
_audit_conform.dict_location   http://mmcif.pdb.org/dictionaries/ascii/mmcif_pdbx.dic 
# 
loop_
_database_2.database_id 
_database_2.database_code 
_database_2.pdbx_database_accession 
_database_2.pdbx_DOI 
PDB   4UBZ         pdb_00004ubz 10.2210/pdb4ubz/pdb 
WWPDB D_1000203156 ?            ?                   
# 
loop_
_pdbx_audit_revision_history.ordinal 
_pdbx_audit_revision_history.data_content_type 
_pdbx_audit_revision_history.major_revision 
_pdbx_audit_revision_history.minor_revision 
_pdbx_audit_revision_history.revision_date 
1 'Structure model' 1 0 2015-05-27 
2 'Structure model' 1 1 2015-06-03 
3 'Structure model' 1 2 2015-07-01 
4 'Structure model' 1 3 2017-11-22 
5 'Structure model' 1 4 2023-12-27 
# 
_pdbx_audit_revision_details.ordinal             1 
_pdbx_audit_revision_details.revision_ordinal    1 
_pdbx_audit_revision_details.data_content_type   'Structure model' 
_pdbx_audit_revision_details.provider            repository 
_pdbx_audit_revision_details.type                'Initial release' 
_pdbx_audit_revision_details.description         ? 
_pdbx_audit_revision_details.details             ? 
# 
loop_
_pdbx_audit_revision_group.ordinal 
_pdbx_audit_revision_group.revision_ordinal 
_pdbx_audit_revision_group.data_content_type 
_pdbx_audit_revision_group.group 
1 2 'Structure model' 'Derived calculations'   
2 3 'Structure model' 'Database references'    
3 4 'Structure model' 'Database references'    
4 4 'Structure model' 'Derived calculations'   
5 4 'Structure model' 'Refinement description' 
6 4 'Structure model' 'Source and taxonomy'    
7 5 'Structure model' 'Data collection'        
8 5 'Structure model' 'Database references'    
9 5 'Structure model' 'Derived calculations'   
# 
loop_
_pdbx_audit_revision_category.ordinal 
_pdbx_audit_revision_category.revision_ordinal 
_pdbx_audit_revision_category.data_content_type 
_pdbx_audit_revision_category.category 
1  4 'Structure model' citation                 
2  4 'Structure model' pdbx_entity_src_syn      
3  4 'Structure model' pdbx_struct_assembly     
4  4 'Structure model' pdbx_struct_assembly_gen 
5  4 'Structure model' pdbx_struct_oper_list    
6  4 'Structure model' software                 
7  5 'Structure model' chem_comp_atom           
8  5 'Structure model' chem_comp_bond           
9  5 'Structure model' database_2               
10 5 'Structure model' struct_conn              
# 
loop_
_pdbx_audit_revision_item.ordinal 
_pdbx_audit_revision_item.revision_ordinal 
_pdbx_audit_revision_item.data_content_type 
_pdbx_audit_revision_item.item 
1  4 'Structure model' '_citation.journal_id_CSD'                  
2  4 'Structure model' '_pdbx_entity_src_syn.pdbx_alt_source_flag' 
3  4 'Structure model' '_pdbx_struct_assembly.oligomeric_details'  
4  4 'Structure model' '_pdbx_struct_assembly_gen.asym_id_list'    
5  4 'Structure model' '_pdbx_struct_oper_list.symmetry_operation' 
6  5 'Structure model' '_database_2.pdbx_DOI'                      
7  5 'Structure model' '_database_2.pdbx_database_accession'       
8  5 'Structure model' '_struct_conn.pdbx_ptnr1_label_alt_id'      
9  5 'Structure model' '_struct_conn.pdbx_ptnr2_label_alt_id'      
10 5 'Structure model' '_struct_conn.ptnr1_auth_asym_id'           
11 5 'Structure model' '_struct_conn.ptnr1_auth_comp_id'           
12 5 'Structure model' '_struct_conn.ptnr1_auth_seq_id'            
13 5 'Structure model' '_struct_conn.ptnr1_label_asym_id'          
14 5 'Structure model' '_struct_conn.ptnr1_label_atom_id'          
15 5 'Structure model' '_struct_conn.ptnr1_label_comp_id'          
16 5 'Structure model' '_struct_conn.ptnr2_auth_asym_id'           
17 5 'Structure model' '_struct_conn.ptnr2_auth_comp_id'           
18 5 'Structure model' '_struct_conn.ptnr2_auth_seq_id'            
19 5 'Structure model' '_struct_conn.ptnr2_label_asym_id'          
20 5 'Structure model' '_struct_conn.ptnr2_label_atom_id'          
21 5 'Structure model' '_struct_conn.ptnr2_label_comp_id'          
# 
_pdbx_database_status.status_code                     REL 
_pdbx_database_status.status_code_sf                  REL 
_pdbx_database_status.status_code_mr                  ? 
_pdbx_database_status.entry_id                        4UBZ 
_pdbx_database_status.recvd_initial_deposition_date   2014-08-13 
_pdbx_database_status.SG_entry                        N 
_pdbx_database_status.deposit_site                    RCSB 
_pdbx_database_status.process_site                    RCSB 
_pdbx_database_status.status_code_cs                  ? 
_pdbx_database_status.methods_development_category    ? 
_pdbx_database_status.pdb_format_compatible           Y 
_pdbx_database_status.status_code_nmr_data            ? 
# 
loop_
_pdbx_database_related.content_type 
_pdbx_database_related.db_id 
_pdbx_database_related.db_name 
_pdbx_database_related.details 
unspecified 4uby PDB . 
unspecified 4TUT PDB . 
unspecified 4W5L PDB . 
unspecified 4W5M PDB . 
unspecified 4W5P PDB . 
unspecified 4W5Y PDB . 
unspecified 4W67 PDB . 
unspecified 4W71 PDB . 
unspecified 4WBU PDB . 
unspecified 4WBV PDB . 
# 
loop_
_audit_author.name 
_audit_author.pdbx_ordinal 
'Yu, L.'     1 
'Lee, S.-J.' 2 
'Yee, V.'    3 
# 
_citation.abstract                  ? 
_citation.abstract_id_CAS           ? 
_citation.book_id_ISBN              ? 
_citation.book_publisher            ? 
_citation.book_publisher_city       ? 
_citation.book_title                ? 
_citation.coordinate_linkage        ? 
_citation.country                   US 
_citation.database_id_Medline       ? 
_citation.details                   ? 
_citation.id                        primary 
_citation.journal_abbrev            Biochemistry 
_citation.journal_id_ASTM           BICHAW 
_citation.journal_id_CSD            0033 
_citation.journal_id_ISSN           0006-2960 
_citation.journal_full              ? 
_citation.journal_issue             ? 
_citation.journal_volume            54 
_citation.language                  ? 
_citation.page_first                3640 
_citation.page_last                 3648 
_citation.title                     
'Crystal Structures of Polymorphic Prion Protein beta 1 Peptides Reveal Variable Steric Zipper Conformations.' 
_citation.year                      2015 
_citation.database_id_CSD           ? 
_citation.pdbx_database_id_DOI      10.1021/acs.biochem.5b00425 
_citation.pdbx_database_id_PubMed   25978088 
_citation.unpublished_flag          ? 
# 
loop_
_citation_author.citation_id 
_citation_author.name 
_citation_author.ordinal 
_citation_author.identifier_ORCID 
primary 'Yu, L.'    1 ? 
primary 'Lee, S.J.' 2 ? 
primary 'Yee, V.C.' 3 ? 
# 
loop_
_entity.id 
_entity.type 
_entity.src_method 
_entity.pdbx_description 
_entity.formula_weight 
_entity.pdbx_number_of_molecules 
_entity.pdbx_ec 
_entity.pdbx_mutation 
_entity.pdbx_fragment 
_entity.details 
1 polymer     syn 'prion  peptide' 578.660 2 ? ? ? ? 
2 non-polymer syn 'SODIUM ION'     22.990  1 ? ? ? ? 
3 water       nat water            18.015  9 ? ? ? ? 
# 
_entity_poly.entity_id                      1 
_entity_poly.type                           'polypeptide(L)' 
_entity_poly.nstd_linkage                   no 
_entity_poly.nstd_monomer                   no 
_entity_poly.pdbx_seq_one_letter_code       GGYLLG 
_entity_poly.pdbx_seq_one_letter_code_can   GGYLLG 
_entity_poly.pdbx_strand_id                 A,B 
_entity_poly.pdbx_target_identifier         ? 
# 
loop_
_pdbx_entity_nonpoly.entity_id 
_pdbx_entity_nonpoly.name 
_pdbx_entity_nonpoly.comp_id 
2 'SODIUM ION' NA  
3 water        HOH 
# 
loop_
_entity_poly_seq.entity_id 
_entity_poly_seq.num 
_entity_poly_seq.mon_id 
_entity_poly_seq.hetero 
1 1 GLY n 
1 2 GLY n 
1 3 TYR n 
1 4 LEU n 
1 5 LEU n 
1 6 GLY n 
# 
_pdbx_entity_src_syn.entity_id              1 
_pdbx_entity_src_syn.pdbx_src_id            1 
_pdbx_entity_src_syn.pdbx_alt_source_flag   sample 
_pdbx_entity_src_syn.pdbx_beg_seq_num       1 
_pdbx_entity_src_syn.pdbx_end_seq_num       6 
_pdbx_entity_src_syn.organism_scientific    'synthetic construct' 
_pdbx_entity_src_syn.organism_common_name   ? 
_pdbx_entity_src_syn.ncbi_taxonomy_id       32630 
_pdbx_entity_src_syn.details                synthetic 
# 
loop_
_chem_comp.id 
_chem_comp.type 
_chem_comp.mon_nstd_flag 
_chem_comp.name 
_chem_comp.pdbx_synonyms 
_chem_comp.formula 
_chem_comp.formula_weight 
GLY 'peptide linking'   y GLYCINE      ? 'C2 H5 N O2'  75.067  
HOH non-polymer         . WATER        ? 'H2 O'        18.015  
LEU 'L-peptide linking' y LEUCINE      ? 'C6 H13 N O2' 131.173 
NA  non-polymer         . 'SODIUM ION' ? 'Na 1'        22.990  
TYR 'L-peptide linking' y TYROSINE     ? 'C9 H11 N O3' 181.189 
# 
loop_
_pdbx_poly_seq_scheme.asym_id 
_pdbx_poly_seq_scheme.entity_id 
_pdbx_poly_seq_scheme.seq_id 
_pdbx_poly_seq_scheme.mon_id 
_pdbx_poly_seq_scheme.ndb_seq_num 
_pdbx_poly_seq_scheme.pdb_seq_num 
_pdbx_poly_seq_scheme.auth_seq_num 
_pdbx_poly_seq_scheme.pdb_mon_id 
_pdbx_poly_seq_scheme.auth_mon_id 
_pdbx_poly_seq_scheme.pdb_strand_id 
_pdbx_poly_seq_scheme.pdb_ins_code 
_pdbx_poly_seq_scheme.hetero 
A 1 1 GLY 1 126 126 GLY GLY A . n 
A 1 2 GLY 2 127 127 GLY GLY A . n 
A 1 3 TYR 3 128 128 TYR TYR A . n 
A 1 4 LEU 4 129 129 LEU LEU A . n 
A 1 5 LEU 5 130 130 LEU LEU A . n 
A 1 6 GLY 6 131 131 GLY GLY A . n 
B 1 1 GLY 1 126 126 GLY GLY B . n 
B 1 2 GLY 2 127 127 GLY GLY B . n 
B 1 3 TYR 3 128 128 TYR TYR B . n 
B 1 4 LEU 4 129 129 LEU LEU B . n 
B 1 5 LEU 5 130 130 LEU LEU B . n 
B 1 6 GLY 6 131 131 GLY GLY B . n 
# 
loop_
_pdbx_nonpoly_scheme.asym_id 
_pdbx_nonpoly_scheme.entity_id 
_pdbx_nonpoly_scheme.mon_id 
_pdbx_nonpoly_scheme.ndb_seq_num 
_pdbx_nonpoly_scheme.pdb_seq_num 
_pdbx_nonpoly_scheme.auth_seq_num 
_pdbx_nonpoly_scheme.pdb_mon_id 
_pdbx_nonpoly_scheme.auth_mon_id 
_pdbx_nonpoly_scheme.pdb_strand_id 
_pdbx_nonpoly_scheme.pdb_ins_code 
C 2 NA  1 201 1  NA  NA  B . 
D 3 HOH 1 201 8  HOH HOH A . 
D 3 HOH 2 202 6  HOH HOH A . 
D 3 HOH 3 203 9  HOH HOH A . 
D 3 HOH 4 204 7  HOH HOH A . 
D 3 HOH 5 205 10 HOH HOH A . 
E 3 HOH 1 301 3  HOH HOH B . 
E 3 HOH 2 302 2  HOH HOH B . 
E 3 HOH 3 303 4  HOH HOH B . 
E 3 HOH 4 304 5  HOH HOH B . 
# 
loop_
_software.citation_id 
_software.classification 
_software.compiler_name 
_software.compiler_version 
_software.contact_author 
_software.contact_author_email 
_software.date 
_software.description 
_software.dependencies 
_software.hardware 
_software.language 
_software.location 
_software.mods 
_software.name 
_software.os 
_software.os_version 
_software.type 
_software.version 
_software.pdbx_ordinal 
? 'data reduction'  ? ? ? ? ? ? ? ? ? ? ? HKL-2000    ? ? ? .                           1 
? 'data extraction' ? ? ? ? ? ? ? ? ? ? ? PDB_EXTRACT ? ? ? 3.14                        2 
? 'data scaling'    ? ? ? ? ? ? ? ? ? ? ? HKL-2000    ? ? ? .                           3 
? refinement        ? ? ? ? ? ? ? ? ? ? ? PHENIX      ? ? ? '(phenix.refine: 1.9_1692)' 4 
? phasing           ? ? ? ? ? ? ? ? ? ? ? SHELX       ? ? ? .                           5 
? 'data reduction'  ? ? ? ? ? ? ? ? ? ? ? DENZO       ? ? ? .                           6 
? 'data scaling'    ? ? ? ? ? ? ? ? ? ? ? SCALEPACK   ? ? ? .                           7 
# 
_cell.length_a           11.609 
_cell.length_b           18.107 
_cell.length_c           17.843 
_cell.angle_alpha        90.000 
_cell.angle_beta         105.240 
_cell.angle_gamma        90.000 
_cell.entry_id           4UBZ 
_cell.Z_PDB              4 
_cell.pdbx_unique_axis   ? 
# 
_symmetry.entry_id                         4UBZ 
_symmetry.cell_setting                     ? 
_symmetry.Int_Tables_number                4 
_symmetry.space_group_name_Hall            ? 
_symmetry.space_group_name_H-M             'P 1 21 1' 
_symmetry.pdbx_full_space_group_name_H-M   ? 
# 
_exptl.absorpt_coefficient_mu     ? 
_exptl.absorpt_correction_T_max   ? 
_exptl.absorpt_correction_T_min   ? 
_exptl.absorpt_correction_type    ? 
_exptl.absorpt_process_details    ? 
_exptl.entry_id                   4UBZ 
_exptl.crystals_number            1 
_exptl.details                    ? 
_exptl.method                     'X-RAY DIFFRACTION' 
_exptl.method_details             ? 
# 
_exptl_crystal.colour                      ? 
_exptl_crystal.density_diffrn              ? 
_exptl_crystal.density_Matthews            1.56 
_exptl_crystal.density_method              ? 
_exptl_crystal.density_percent_sol         21.33 
_exptl_crystal.description                 ? 
_exptl_crystal.F_000                       ? 
_exptl_crystal.id                          1 
_exptl_crystal.preparation                 ? 
_exptl_crystal.size_max                    ? 
_exptl_crystal.size_mid                    ? 
_exptl_crystal.size_min                    ? 
_exptl_crystal.size_rad                    ? 
_exptl_crystal.colour_lustre               ? 
_exptl_crystal.colour_modifier             ? 
_exptl_crystal.colour_primary              ? 
_exptl_crystal.density_meas                ? 
_exptl_crystal.density_meas_esd            ? 
_exptl_crystal.density_meas_gt             ? 
_exptl_crystal.density_meas_lt             ? 
_exptl_crystal.density_meas_temp           ? 
_exptl_crystal.density_meas_temp_esd       ? 
_exptl_crystal.density_meas_temp_gt        ? 
_exptl_crystal.density_meas_temp_lt        ? 
_exptl_crystal.pdbx_crystal_image_url      ? 
_exptl_crystal.pdbx_crystal_image_format   ? 
_exptl_crystal.pdbx_mosaicity              ? 
_exptl_crystal.pdbx_mosaicity_esd          ? 
# 
_exptl_crystal_grow.apparatus       ? 
_exptl_crystal_grow.atmosphere      ? 
_exptl_crystal_grow.crystal_id      1 
_exptl_crystal_grow.details         ? 
_exptl_crystal_grow.method          'VAPOR DIFFUSION' 
_exptl_crystal_grow.method_ref      ? 
_exptl_crystal_grow.pH              ? 
_exptl_crystal_grow.pressure        ? 
_exptl_crystal_grow.pressure_esd    ? 
_exptl_crystal_grow.seeding         ? 
_exptl_crystal_grow.seeding_ref     ? 
_exptl_crystal_grow.temp            293 
_exptl_crystal_grow.temp_details    ? 
_exptl_crystal_grow.temp_esd        ? 
_exptl_crystal_grow.time            ? 
_exptl_crystal_grow.pdbx_details    '0.2 M sodium thiocyanate and 2.2 M ammonium sulfate' 
_exptl_crystal_grow.pdbx_pH_range   ? 
# 
_diffrn.ambient_environment    ? 
_diffrn.ambient_temp           100 
_diffrn.ambient_temp_details   ? 
_diffrn.ambient_temp_esd       ? 
_diffrn.crystal_id             1 
_diffrn.crystal_support        ? 
_diffrn.crystal_treatment      ? 
_diffrn.details                ? 
_diffrn.id                     1 
_diffrn.ambient_pressure       ? 
_diffrn.ambient_pressure_esd   ? 
_diffrn.ambient_pressure_gt    ? 
_diffrn.ambient_pressure_lt    ? 
_diffrn.ambient_temp_gt        ? 
_diffrn.ambient_temp_lt        ? 
# 
_diffrn_detector.details                      ? 
_diffrn_detector.detector                     CCD 
_diffrn_detector.diffrn_id                    1 
_diffrn_detector.type                         'MARMOSAIC 300 mm CCD' 
_diffrn_detector.area_resol_mean              ? 
_diffrn_detector.dtime                        ? 
_diffrn_detector.pdbx_frames_total            ? 
_diffrn_detector.pdbx_collection_time_total   ? 
_diffrn_detector.pdbx_collection_date         2011-10-20 
# 
_diffrn_radiation.collimation                      ? 
_diffrn_radiation.diffrn_id                        1 
_diffrn_radiation.filter_edge                      ? 
_diffrn_radiation.inhomogeneity                    ? 
_diffrn_radiation.monochromator                    ? 
_diffrn_radiation.polarisn_norm                    ? 
_diffrn_radiation.polarisn_ratio                   ? 
_diffrn_radiation.probe                            ? 
_diffrn_radiation.type                             ? 
_diffrn_radiation.xray_symbol                      ? 
_diffrn_radiation.wavelength_id                    1 
_diffrn_radiation.pdbx_monochromatic_or_laue_m_l   M 
_diffrn_radiation.pdbx_wavelength_list             ? 
_diffrn_radiation.pdbx_wavelength                  ? 
_diffrn_radiation.pdbx_diffrn_protocol             'SINGLE WAVELENGTH' 
_diffrn_radiation.pdbx_analyzer                    ? 
_diffrn_radiation.pdbx_scattering_type             x-ray 
# 
_diffrn_radiation_wavelength.id           1 
_diffrn_radiation_wavelength.wavelength   0.77490 
_diffrn_radiation_wavelength.wt           1.0 
# 
_diffrn_source.current                     ? 
_diffrn_source.details                     ? 
_diffrn_source.diffrn_id                   1 
_diffrn_source.power                       ? 
_diffrn_source.size                        ? 
_diffrn_source.source                      SYNCHROTRON 
_diffrn_source.target                      ? 
_diffrn_source.type                        'APS BEAMLINE 23-ID-B' 
_diffrn_source.voltage                     ? 
_diffrn_source.take-off_angle              ? 
_diffrn_source.pdbx_wavelength_list        0.77490 
_diffrn_source.pdbx_wavelength             ? 
_diffrn_source.pdbx_synchrotron_beamline   23-ID-B 
_diffrn_source.pdbx_synchrotron_site       APS 
# 
_reflns.B_iso_Wilson_estimate            2.560 
_reflns.entry_id                         4UBZ 
_reflns.data_reduction_details           ? 
_reflns.data_reduction_method            ? 
_reflns.d_resolution_high                1.000 
_reflns.d_resolution_low                 50.000 
_reflns.details                          ? 
_reflns.limit_h_max                      ? 
_reflns.limit_h_min                      ? 
_reflns.limit_k_max                      ? 
_reflns.limit_k_min                      ? 
_reflns.limit_l_max                      ? 
_reflns.limit_l_min                      ? 
_reflns.number_all                       ? 
_reflns.number_obs                       3289 
_reflns.observed_criterion               ? 
_reflns.observed_criterion_F_max         ? 
_reflns.observed_criterion_F_min         ? 
_reflns.observed_criterion_I_max         ? 
_reflns.observed_criterion_I_min         ? 
_reflns.observed_criterion_sigma_F       ? 
_reflns.observed_criterion_sigma_I       ? 
_reflns.percent_possible_obs             83.200 
_reflns.R_free_details                   ? 
_reflns.Rmerge_F_all                     ? 
_reflns.Rmerge_F_obs                     ? 
_reflns.Friedel_coverage                 ? 
_reflns.number_gt                        ? 
_reflns.threshold_expression             ? 
_reflns.pdbx_redundancy                  2.900 
_reflns.pdbx_Rmerge_I_obs                0.074 
_reflns.pdbx_Rmerge_I_all                ? 
_reflns.pdbx_Rsym_value                  ? 
_reflns.pdbx_netI_over_av_sigmaI         15.454 
_reflns.pdbx_netI_over_sigmaI            14.400 
_reflns.pdbx_res_netI_over_av_sigmaI_2   ? 
_reflns.pdbx_res_netI_over_sigmaI_2      ? 
_reflns.pdbx_chi_squared                 1.227 
_reflns.pdbx_scaling_rejects             ? 
_reflns.pdbx_d_res_high_opt              ? 
_reflns.pdbx_d_res_low_opt               ? 
_reflns.pdbx_d_res_opt_method            ? 
_reflns.phase_calculation_details        ? 
_reflns.pdbx_Rrim_I_all                  ? 
_reflns.pdbx_Rpim_I_all                  ? 
_reflns.pdbx_d_opt                       ? 
_reflns.pdbx_number_measured_all         9659 
_reflns.pdbx_diffrn_id                   1 
_reflns.pdbx_ordinal                     1 
_reflns.pdbx_CC_half                     ? 
_reflns.pdbx_R_split                     ? 
# 
loop_
_reflns_shell.d_res_high 
_reflns_shell.d_res_low 
_reflns_shell.meanI_over_sigI_all 
_reflns_shell.meanI_over_sigI_obs 
_reflns_shell.number_measured_all 
_reflns_shell.number_measured_obs 
_reflns_shell.number_possible 
_reflns_shell.number_unique_all 
_reflns_shell.number_unique_obs 
_reflns_shell.percent_possible_all 
_reflns_shell.percent_possible_obs 
_reflns_shell.Rmerge_F_all 
_reflns_shell.Rmerge_F_obs 
_reflns_shell.Rmerge_I_all 
_reflns_shell.Rmerge_I_obs 
_reflns_shell.meanI_over_sigI_gt 
_reflns_shell.meanI_over_uI_all 
_reflns_shell.meanI_over_uI_gt 
_reflns_shell.number_measured_gt 
_reflns_shell.number_unique_gt 
_reflns_shell.percent_possible_gt 
_reflns_shell.Rmerge_F_gt 
_reflns_shell.Rmerge_I_gt 
_reflns_shell.pdbx_redundancy 
_reflns_shell.pdbx_Rsym_value 
_reflns_shell.pdbx_chi_squared 
_reflns_shell.pdbx_netI_over_sigmaI_all 
_reflns_shell.pdbx_netI_over_sigmaI_obs 
_reflns_shell.pdbx_Rrim_I_all 
_reflns_shell.pdbx_Rpim_I_all 
_reflns_shell.pdbx_rejects 
_reflns_shell.pdbx_ordinal 
_reflns_shell.pdbx_diffrn_id 
_reflns_shell.pdbx_CC_half 
_reflns_shell.pdbx_R_split 
1.000 1.040  ? ? ? ? ? 239 ? 59.600 ? ? ? ? 0.113 ? ? ? ? ? ? ? ? 2.000 ? 1.173 ? ? ? ? 0 1  1 ? ? 
1.040 1.080  ? ? ? ? ? 268 ? 68.900 ? ? ? ? 0.112 ? ? ? ? ? ? ? ? 2.100 ? 1.176 ? ? ? ? 0 2  1 ? ? 
1.080 1.130  ? ? ? ? ? 294 ? 76.000 ? ? ? ? 0.109 ? ? ? ? ? ? ? ? 2.400 ? 1.213 ? ? ? ? 0 3  1 ? ? 
1.130 1.190  ? ? ? ? ? 331 ? 83.600 ? ? ? ? 0.107 ? ? ? ? ? ? ? ? 2.600 ? 1.270 ? ? ? ? 0 4  1 ? ? 
1.190 1.260  ? ? ? ? ? 328 ? 84.300 ? ? ? ? 0.098 ? ? ? ? ? ? ? ? 2.700 ? 1.228 ? ? ? ? 0 5  1 ? ? 
1.260 1.360  ? ? ? ? ? 323 ? 83.900 ? ? ? ? 0.097 ? ? ? ? ? ? ? ? 2.900 ? 1.349 ? ? ? ? 0 6  1 ? ? 
1.360 1.490  ? ? ? ? ? 367 ? 91.300 ? ? ? ? 0.091 ? ? ? ? ? ? ? ? 3.100 ? 1.272 ? ? ? ? 0 7  1 ? ? 
1.490 1.710  ? ? ? ? ? 357 ? 91.800 ? ? ? ? 0.081 ? ? ? ? ? ? ? ? 3.300 ? 1.138 ? ? ? ? 0 8  1 ? ? 
1.710 2.150  ? ? ? ? ? 388 ? 96.300 ? ? ? ? 0.069 ? ? ? ? ? ? ? ? 3.500 ? 1.252 ? ? ? ? 0 9  1 ? ? 
2.150 50.000 ? ? ? ? ? 394 ? 95.200 ? ? ? ? 0.056 ? ? ? ? ? ? ? ? 3.900 ? 1.184 ? ? ? ? 0 10 1 ? ? 
# 
_refine.aniso_B[1][1]                            ? 
_refine.aniso_B[1][2]                            ? 
_refine.aniso_B[1][3]                            ? 
_refine.aniso_B[2][2]                            ? 
_refine.aniso_B[2][3]                            ? 
_refine.aniso_B[3][3]                            ? 
_refine.B_iso_max                                7.110 
_refine.B_iso_mean                               2.7193 
_refine.B_iso_min                                1.390 
_refine.correlation_coeff_Fo_to_Fc               ? 
_refine.correlation_coeff_Fo_to_Fc_free          ? 
_refine.details                                  ? 
_refine.diff_density_max                         ? 
_refine.diff_density_max_esd                     ? 
_refine.diff_density_min                         ? 
_refine.diff_density_min_esd                     ? 
_refine.diff_density_rms                         ? 
_refine.diff_density_rms_esd                     ? 
_refine.entry_id                                 4UBZ 
_refine.pdbx_refine_id                           'X-RAY DIFFRACTION' 
_refine.ls_abs_structure_details                 ? 
_refine.ls_abs_structure_Flack                   ? 
_refine.ls_abs_structure_Flack_esd               ? 
_refine.ls_abs_structure_Rogers                  ? 
_refine.ls_abs_structure_Rogers_esd              ? 
_refine.ls_d_res_high                            1.0010 
_refine.ls_d_res_low                             12.4760 
_refine.ls_extinction_coef                       ? 
_refine.ls_extinction_coef_esd                   ? 
_refine.ls_extinction_expression                 ? 
_refine.ls_extinction_method                     ? 
_refine.ls_goodness_of_fit_all                   ? 
_refine.ls_goodness_of_fit_all_esd               ? 
_refine.ls_goodness_of_fit_obs                   ? 
_refine.ls_goodness_of_fit_obs_esd               ? 
_refine.ls_hydrogen_treatment                    ? 
_refine.ls_matrix_type                           ? 
_refine.ls_number_constraints                    ? 
_refine.ls_number_parameters                     ? 
_refine.ls_number_reflns_all                     ? 
_refine.ls_number_reflns_obs                     3281 
_refine.ls_number_reflns_R_free                  146 
_refine.ls_number_reflns_R_work                  3135 
_refine.ls_number_restraints                     ? 
_refine.ls_percent_reflns_obs                    83.2100 
_refine.ls_percent_reflns_R_free                 4.4500 
_refine.ls_R_factor_all                          ? 
_refine.ls_R_factor_obs                          0.0886 
_refine.ls_R_factor_R_free                       0.1104 
_refine.ls_R_factor_R_free_error                 ? 
_refine.ls_R_factor_R_free_error_details         ? 
_refine.ls_R_factor_R_work                       0.0877 
_refine.ls_R_Fsqd_factor_obs                     ? 
_refine.ls_R_I_factor_obs                        ? 
_refine.ls_redundancy_reflns_all                 ? 
_refine.ls_redundancy_reflns_obs                 ? 
_refine.ls_restrained_S_all                      ? 
_refine.ls_restrained_S_obs                      ? 
_refine.ls_shift_over_esd_max                    ? 
_refine.ls_shift_over_esd_mean                   ? 
_refine.ls_structure_factor_coef                 ? 
_refine.ls_weighting_details                     ? 
_refine.ls_weighting_scheme                      ? 
_refine.ls_wR_factor_all                         ? 
_refine.ls_wR_factor_obs                         ? 
_refine.ls_wR_factor_R_free                      ? 
_refine.ls_wR_factor_R_work                      ? 
_refine.occupancy_max                            ? 
_refine.occupancy_min                            ? 
_refine.solvent_model_details                    'FLAT BULK SOLVENT MODEL' 
_refine.solvent_model_param_bsol                 ? 
_refine.solvent_model_param_ksol                 ? 
_refine.ls_R_factor_gt                           ? 
_refine.ls_goodness_of_fit_gt                    ? 
_refine.ls_goodness_of_fit_ref                   ? 
_refine.ls_shift_over_su_max                     ? 
_refine.ls_shift_over_su_max_lt                  ? 
_refine.ls_shift_over_su_mean                    ? 
_refine.ls_shift_over_su_mean_lt                 ? 
_refine.pdbx_ls_sigma_I                          ? 
_refine.pdbx_ls_sigma_F                          2.150 
_refine.pdbx_ls_sigma_Fsqd                       ? 
_refine.pdbx_data_cutoff_high_absF               ? 
_refine.pdbx_data_cutoff_high_rms_absF           ? 
_refine.pdbx_data_cutoff_low_absF                ? 
_refine.pdbx_isotropic_thermal_model             ? 
_refine.pdbx_ls_cross_valid_method               'FREE R-VALUE' 
_refine.pdbx_method_to_determine_struct          'AB INITIO PHASING' 
_refine.pdbx_starting_model                      ? 
_refine.pdbx_stereochemistry_target_values       ML 
_refine.pdbx_R_Free_selection_details            'Random selection' 
_refine.pdbx_stereochem_target_val_spec_case     ? 
_refine.pdbx_overall_ESU_R                       ? 
_refine.pdbx_overall_ESU_R_Free                  ? 
_refine.pdbx_solvent_vdw_probe_radii             1.1100 
_refine.pdbx_solvent_ion_probe_radii             ? 
_refine.pdbx_solvent_shrinkage_radii             0.9000 
_refine.pdbx_real_space_R                        ? 
_refine.pdbx_density_correlation                 ? 
_refine.pdbx_pd_number_of_powder_patterns        ? 
_refine.pdbx_pd_number_of_points                 ? 
_refine.pdbx_pd_meas_number_of_points            ? 
_refine.pdbx_pd_proc_ls_prof_R_factor            ? 
_refine.pdbx_pd_proc_ls_prof_wR_factor           ? 
_refine.pdbx_pd_Marquardt_correlation_coeff      ? 
_refine.pdbx_pd_Fsqrd_R_factor                   ? 
_refine.pdbx_pd_ls_matrix_band_width             ? 
_refine.pdbx_overall_phase_error                 8.6100 
_refine.pdbx_overall_SU_R_free_Cruickshank_DPI   ? 
_refine.pdbx_overall_SU_R_free_Blow_DPI          ? 
_refine.pdbx_overall_SU_R_Blow_DPI               ? 
_refine.pdbx_TLS_residual_ADP_flag               ? 
_refine.pdbx_diffrn_id                           1 
_refine.overall_SU_B                             ? 
_refine.overall_SU_ML                            0.0400 
_refine.overall_SU_R_Cruickshank_DPI             ? 
_refine.overall_SU_R_free                        ? 
_refine.overall_FOM_free_R_set                   ? 
_refine.overall_FOM_work_R_set                   ? 
# 
_refine_hist.cycle_id                         final 
_refine_hist.pdbx_refine_id                   'X-RAY DIFFRACTION' 
_refine_hist.d_res_high                       1.0010 
_refine_hist.d_res_low                        12.4760 
_refine_hist.pdbx_number_atoms_ligand         1 
_refine_hist.number_atoms_solvent             10 
_refine_hist.number_atoms_total               93 
_refine_hist.pdbx_number_residues_total       12 
_refine_hist.pdbx_B_iso_mean_ligand           3.29 
_refine_hist.pdbx_B_iso_mean_solvent          5.28 
_refine_hist.pdbx_number_atoms_protein        82 
_refine_hist.pdbx_number_atoms_nucleic_acid   0 
# 
loop_
_refine_ls_restr.pdbx_refine_id 
_refine_ls_restr.criterion 
_refine_ls_restr.dev_ideal 
_refine_ls_restr.dev_ideal_target 
_refine_ls_restr.number 
_refine_ls_restr.rejects 
_refine_ls_restr.type 
_refine_ls_restr.weight 
_refine_ls_restr.pdbx_restraint_function 
'X-RAY DIFFRACTION' ? 0.006 ? 82  ? f_bond_d           ? ? 
'X-RAY DIFFRACTION' ? 1.358 ? 108 ? f_angle_d          ? ? 
'X-RAY DIFFRACTION' ? 0.053 ? 10  ? f_chiral_restr     ? ? 
'X-RAY DIFFRACTION' ? 0.004 ? 14  ? f_plane_restr      ? ? 
'X-RAY DIFFRACTION' ? 6.651 ? 26  ? f_dihedral_angle_d ? ? 
# 
_refine_ls_shell.pdbx_refine_id                   'X-RAY DIFFRACTION' 
_refine_ls_shell.d_res_high                       1.0010 
_refine_ls_shell.d_res_low                        12.4773 
_refine_ls_shell.number_reflns_all                3281 
_refine_ls_shell.number_reflns_obs                ? 
_refine_ls_shell.number_reflns_R_free             146 
_refine_ls_shell.number_reflns_R_work             3135 
_refine_ls_shell.percent_reflns_obs               83.0000 
_refine_ls_shell.percent_reflns_R_free            ? 
_refine_ls_shell.R_factor_all                     ? 
_refine_ls_shell.R_factor_obs                     ? 
_refine_ls_shell.R_factor_R_free                  0.1104 
_refine_ls_shell.R_factor_R_free_error            ? 
_refine_ls_shell.R_factor_R_work                  0.0877 
_refine_ls_shell.redundancy_reflns_all            ? 
_refine_ls_shell.redundancy_reflns_obs            ? 
_refine_ls_shell.wR_factor_all                    ? 
_refine_ls_shell.wR_factor_obs                    ? 
_refine_ls_shell.wR_factor_R_free                 ? 
_refine_ls_shell.wR_factor_R_work                 ? 
_refine_ls_shell.pdbx_total_number_of_bins_used   1 
_refine_ls_shell.pdbx_phase_error                 ? 
# 
_struct.entry_id                     4UBZ 
_struct.title                        'Crystal structure of a prion peptide' 
_struct.pdbx_model_details           ? 
_struct.pdbx_formula_weight          ? 
_struct.pdbx_formula_weight_method   ? 
_struct.pdbx_model_type_details      ? 
_struct.pdbx_CASP_flag               ? 
# 
_struct_keywords.entry_id        4UBZ 
_struct_keywords.text            'prion peptide, de novo protein, membrane protein' 
_struct_keywords.pdbx_keywords   'de novo protein, membrane protein' 
# 
loop_
_struct_asym.id 
_struct_asym.pdbx_blank_PDB_chainid_flag 
_struct_asym.pdbx_modified 
_struct_asym.entity_id 
_struct_asym.details 
A N N 1 ? 
B N N 1 ? 
C N N 2 ? 
D N N 3 ? 
E N N 3 ? 
# 
_struct_ref.id                         1 
_struct_ref.db_name                    PDB 
_struct_ref.db_code                    4UBZ 
_struct_ref.pdbx_db_accession          4UBZ 
_struct_ref.pdbx_db_isoform            ? 
_struct_ref.entity_id                  1 
_struct_ref.pdbx_seq_one_letter_code   ? 
_struct_ref.pdbx_align_begin           1 
# 
loop_
_struct_ref_seq.align_id 
_struct_ref_seq.ref_id 
_struct_ref_seq.pdbx_PDB_id_code 
_struct_ref_seq.pdbx_strand_id 
_struct_ref_seq.seq_align_beg 
_struct_ref_seq.pdbx_seq_align_beg_ins_code 
_struct_ref_seq.seq_align_end 
_struct_ref_seq.pdbx_seq_align_end_ins_code 
_struct_ref_seq.pdbx_db_accession 
_struct_ref_seq.db_align_beg 
_struct_ref_seq.pdbx_db_align_beg_ins_code 
_struct_ref_seq.db_align_end 
_struct_ref_seq.pdbx_db_align_end_ins_code 
_struct_ref_seq.pdbx_auth_seq_align_beg 
_struct_ref_seq.pdbx_auth_seq_align_end 
1 1 4UBZ A 1 ? 6 ? 4UBZ 126 ? 131 ? 126 131 
2 1 4UBZ B 1 ? 6 ? 4UBZ 126 ? 131 ? 126 131 
# 
_pdbx_struct_assembly.id                   1 
_pdbx_struct_assembly.details              author_defined_assembly 
_pdbx_struct_assembly.method_details       ? 
_pdbx_struct_assembly.oligomeric_details   dodecameric 
_pdbx_struct_assembly.oligomeric_count     12 
# 
_pdbx_struct_assembly_gen.assembly_id       1 
_pdbx_struct_assembly_gen.oper_expression   1,2,3,4,5,6 
_pdbx_struct_assembly_gen.asym_id_list      A,B,C,D,E 
# 
loop_
_pdbx_struct_oper_list.id 
_pdbx_struct_oper_list.type 
_pdbx_struct_oper_list.name 
_pdbx_struct_oper_list.symmetry_operation 
_pdbx_struct_oper_list.matrix[1][1] 
_pdbx_struct_oper_list.matrix[1][2] 
_pdbx_struct_oper_list.matrix[1][3] 
_pdbx_struct_oper_list.vector[1] 
_pdbx_struct_oper_list.matrix[2][1] 
_pdbx_struct_oper_list.matrix[2][2] 
_pdbx_struct_oper_list.matrix[2][3] 
_pdbx_struct_oper_list.vector[2] 
_pdbx_struct_oper_list.matrix[3][1] 
_pdbx_struct_oper_list.matrix[3][2] 
_pdbx_struct_oper_list.matrix[3][3] 
_pdbx_struct_oper_list.vector[3] 
1 'identity operation'         1_555 x,y,z         1.0000000000 0.0000000000  0.0000000000 0.0000000000  0.0000000000  1.0000000000  0.0000000000  0.0000000000  0.0000000000 0.0000000000  1.0000000000  0.0000000000  
2 'crystal symmetry operation' 1_655 x+1,y,z       1.0000000000 0.0000000000  0.0000000000 2.2302551521  0.0000000000  1.0000000000  0.0000000000  9.6063490959  0.0000000000 0.0000000000  1.0000000000  -6.1247775473 
3 'crystal symmetry operation' 2_555 -x,y+1/2,-z   0.8055223411 -0.0423386732 0.5910509239 -9.9173493294 -0.0423386732 -0.9990071775 -0.0138598739 -6.3286630562 0.5910509239 -0.0138598739 -0.8065151637 0.7341326930  
4 'crystal symmetry operation' 2_655 -x+1,y+1/2,-z 0.8055223411 -0.0423386732 0.5910509239 -7.6870941773 -0.0423386732 -0.9990071775 -0.0138598739 3.2776860397  0.5910509239 -0.0138598739 -0.8065151637 -5.3906448543 
5 'crystal symmetry operation' 2_545 -x,y-1/2,-z   0.8055223411 -0.0423386732 0.5910509239 7.2867894461  -0.0423386732 -0.9990071775 -0.0138598739 -6.7320922430 0.5910509239 -0.0138598739 -0.8065151637 6.3660331614  
6 'crystal symmetry operation' 2_645 -x+1,y-1/2,-z 0.8055223411 -0.0423386732 0.5910509239 9.5170445981  -0.0423386732 -0.9990071775 -0.0138598739 2.8742568530  0.5910509239 -0.0138598739 -0.8065151637 0.2412556141 
# 
_struct_biol.details                      
;BIOLOGICAL UNIT DISPLAYS ONLY A PORTION OF THE CRYSTAL       
LATTICE TO DEMONSTRATE THE CRYSTAL PACKING CONTENT. THE CRYSTAL      
PACKING IS FORMED BY A REPETITION IN BOTH DIRECTIONS OF THE PORTION  
 INDICATED IN REMARK 350.
;
_struct_biol.id                           1 
_struct_biol.pdbx_parent_biol_id          ? 
_struct_biol.pdbx_formula_weight          ? 
_struct_biol.pdbx_formula_weight_method   ? 
_struct_biol.pdbx_aggregation_state       ? 
_struct_biol.pdbx_assembly_method         ? 
# 
loop_
_struct_conn.id 
_struct_conn.conn_type_id 
_struct_conn.pdbx_leaving_atom_flag 
_struct_conn.pdbx_PDB_id 
_struct_conn.ptnr1_label_asym_id 
_struct_conn.ptnr1_label_comp_id 
_struct_conn.ptnr1_label_seq_id 
_struct_conn.ptnr1_label_atom_id 
_struct_conn.pdbx_ptnr1_label_alt_id 
_struct_conn.pdbx_ptnr1_PDB_ins_code 
_struct_conn.pdbx_ptnr1_standard_comp_id 
_struct_conn.ptnr1_symmetry 
_struct_conn.ptnr2_label_asym_id 
_struct_conn.ptnr2_label_comp_id 
_struct_conn.ptnr2_label_seq_id 
_struct_conn.ptnr2_label_atom_id 
_struct_conn.pdbx_ptnr2_label_alt_id 
_struct_conn.pdbx_ptnr2_PDB_ins_code 
_struct_conn.ptnr1_auth_asym_id 
_struct_conn.ptnr1_auth_comp_id 
_struct_conn.ptnr1_auth_seq_id 
_struct_conn.ptnr2_auth_asym_id 
_struct_conn.ptnr2_auth_comp_id 
_struct_conn.ptnr2_auth_seq_id 
_struct_conn.ptnr2_symmetry 
_struct_conn.pdbx_ptnr3_label_atom_id 
_struct_conn.pdbx_ptnr3_label_seq_id 
_struct_conn.pdbx_ptnr3_label_comp_id 
_struct_conn.pdbx_ptnr3_label_asym_id 
_struct_conn.pdbx_ptnr3_label_alt_id 
_struct_conn.pdbx_ptnr3_PDB_ins_code 
_struct_conn.details 
_struct_conn.pdbx_dist_value 
_struct_conn.pdbx_value_order 
_struct_conn.pdbx_role 
metalc1 metalc ? ? D HOH . O A ? ? 1_555 C NA . NA ? ? A HOH 205 B NA 201 1_555 ? ? ? ? ? ? ? 2.999 ? ? 
metalc2 metalc ? ? D HOH . O B ? ? 1_555 C NA . NA ? ? A HOH 205 B NA 201 1_555 ? ? ? ? ? ? ? 2.195 ? ? 
# 
_struct_conn_type.id          metalc 
_struct_conn_type.criteria    ? 
_struct_conn_type.reference   ? 
# 
_pdbx_struct_conn_angle.id                    1 
_pdbx_struct_conn_angle.ptnr1_label_atom_id   O 
_pdbx_struct_conn_angle.ptnr1_label_alt_id    A 
_pdbx_struct_conn_angle.ptnr1_label_asym_id   D 
_pdbx_struct_conn_angle.ptnr1_label_comp_id   HOH 
_pdbx_struct_conn_angle.ptnr1_label_seq_id    . 
_pdbx_struct_conn_angle.ptnr1_auth_atom_id    ? 
_pdbx_struct_conn_angle.ptnr1_auth_asym_id    A 
_pdbx_struct_conn_angle.ptnr1_auth_comp_id    HOH 
_pdbx_struct_conn_angle.ptnr1_auth_seq_id     205 
_pdbx_struct_conn_angle.ptnr1_PDB_ins_code    ? 
_pdbx_struct_conn_angle.ptnr1_symmetry        1_555 
_pdbx_struct_conn_angle.ptnr2_label_atom_id   NA 
_pdbx_struct_conn_angle.ptnr2_label_alt_id    ? 
_pdbx_struct_conn_angle.ptnr2_label_asym_id   C 
_pdbx_struct_conn_angle.ptnr2_label_comp_id   NA 
_pdbx_struct_conn_angle.ptnr2_label_seq_id    . 
_pdbx_struct_conn_angle.ptnr2_auth_atom_id    ? 
_pdbx_struct_conn_angle.ptnr2_auth_asym_id    B 
_pdbx_struct_conn_angle.ptnr2_auth_comp_id    NA 
_pdbx_struct_conn_angle.ptnr2_auth_seq_id     201 
_pdbx_struct_conn_angle.ptnr2_PDB_ins_code    ? 
_pdbx_struct_conn_angle.ptnr2_symmetry        1_555 
_pdbx_struct_conn_angle.ptnr3_label_atom_id   O 
_pdbx_struct_conn_angle.ptnr3_label_alt_id    B 
_pdbx_struct_conn_angle.ptnr3_label_asym_id   D 
_pdbx_struct_conn_angle.ptnr3_label_comp_id   HOH 
_pdbx_struct_conn_angle.ptnr3_label_seq_id    . 
_pdbx_struct_conn_angle.ptnr3_auth_atom_id    ? 
_pdbx_struct_conn_angle.ptnr3_auth_asym_id    A 
_pdbx_struct_conn_angle.ptnr3_auth_comp_id    HOH 
_pdbx_struct_conn_angle.ptnr3_auth_seq_id     205 
_pdbx_struct_conn_angle.ptnr3_PDB_ins_code    ? 
_pdbx_struct_conn_angle.ptnr3_symmetry        1_555 
_pdbx_struct_conn_angle.value                 2.5 
_pdbx_struct_conn_angle.value_esd             ? 
# 
_struct_sheet.id               AA1 
_struct_sheet.type             ? 
_struct_sheet.number_strands   2 
_struct_sheet.details          ? 
# 
_struct_sheet_order.sheet_id     AA1 
_struct_sheet_order.range_id_1   1 
_struct_sheet_order.range_id_2   2 
_struct_sheet_order.offset       ? 
_struct_sheet_order.sense        anti-parallel 
# 
loop_
_struct_sheet_range.sheet_id 
_struct_sheet_range.id 
_struct_sheet_range.beg_label_comp_id 
_struct_sheet_range.beg_label_asym_id 
_struct_sheet_range.beg_label_seq_id 
_struct_sheet_range.pdbx_beg_PDB_ins_code 
_struct_sheet_range.end_label_comp_id 
_struct_sheet_range.end_label_asym_id 
_struct_sheet_range.end_label_seq_id 
_struct_sheet_range.pdbx_end_PDB_ins_code 
_struct_sheet_range.beg_auth_comp_id 
_struct_sheet_range.beg_auth_asym_id 
_struct_sheet_range.beg_auth_seq_id 
_struct_sheet_range.end_auth_comp_id 
_struct_sheet_range.end_auth_asym_id 
_struct_sheet_range.end_auth_seq_id 
AA1 1 LEU A 4 ? LEU A 5 ? LEU A 129 LEU A 130 
AA1 2 LEU B 4 ? LEU B 5 ? LEU B 129 LEU B 130 
# 
_pdbx_struct_sheet_hbond.sheet_id                AA1 
_pdbx_struct_sheet_hbond.range_id_1              1 
_pdbx_struct_sheet_hbond.range_id_2              2 
_pdbx_struct_sheet_hbond.range_1_label_atom_id   N 
_pdbx_struct_sheet_hbond.range_1_label_comp_id   LEU 
_pdbx_struct_sheet_hbond.range_1_label_asym_id   A 
_pdbx_struct_sheet_hbond.range_1_label_seq_id    5 
_pdbx_struct_sheet_hbond.range_1_PDB_ins_code    ? 
_pdbx_struct_sheet_hbond.range_1_auth_atom_id    N 
_pdbx_struct_sheet_hbond.range_1_auth_comp_id    LEU 
_pdbx_struct_sheet_hbond.range_1_auth_asym_id    A 
_pdbx_struct_sheet_hbond.range_1_auth_seq_id     130 
_pdbx_struct_sheet_hbond.range_2_label_atom_id   O 
_pdbx_struct_sheet_hbond.range_2_label_comp_id   LEU 
_pdbx_struct_sheet_hbond.range_2_label_asym_id   B 
_pdbx_struct_sheet_hbond.range_2_label_seq_id    4 
_pdbx_struct_sheet_hbond.range_2_PDB_ins_code    ? 
_pdbx_struct_sheet_hbond.range_2_auth_atom_id    O 
_pdbx_struct_sheet_hbond.range_2_auth_comp_id    LEU 
_pdbx_struct_sheet_hbond.range_2_auth_asym_id    B 
_pdbx_struct_sheet_hbond.range_2_auth_seq_id     129 
# 
_struct_site.id                   AC1 
_struct_site.pdbx_evidence_code   Software 
_struct_site.pdbx_auth_asym_id    B 
_struct_site.pdbx_auth_comp_id    NA 
_struct_site.pdbx_auth_seq_id     201 
_struct_site.pdbx_auth_ins_code   ? 
_struct_site.pdbx_num_residues    2 
_struct_site.details              'binding site for residue NA B 201' 
# 
loop_
_struct_site_gen.id 
_struct_site_gen.site_id 
_struct_site_gen.pdbx_num_res 
_struct_site_gen.label_comp_id 
_struct_site_gen.label_asym_id 
_struct_site_gen.label_seq_id 
_struct_site_gen.pdbx_auth_ins_code 
_struct_site_gen.auth_comp_id 
_struct_site_gen.auth_asym_id 
_struct_site_gen.auth_seq_id 
_struct_site_gen.label_atom_id 
_struct_site_gen.label_alt_id 
_struct_site_gen.symmetry 
_struct_site_gen.details 
1 AC1 2 HOH D . ? HOH A 205 . ? 1_555 ? 
2 AC1 2 GLY B 6 ? GLY B 131 . ? 1_555 ? 
# 
loop_
_chem_comp_atom.comp_id 
_chem_comp_atom.atom_id 
_chem_comp_atom.type_symbol 
_chem_comp_atom.pdbx_aromatic_flag 
_chem_comp_atom.pdbx_stereo_config 
_chem_comp_atom.pdbx_ordinal 
GLY N    N  N N 1  
GLY CA   C  N N 2  
GLY C    C  N N 3  
GLY O    O  N N 4  
GLY OXT  O  N N 5  
GLY H    H  N N 6  
GLY H2   H  N N 7  
GLY HA2  H  N N 8  
GLY HA3  H  N N 9  
GLY HXT  H  N N 10 
HOH O    O  N N 11 
HOH H1   H  N N 12 
HOH H2   H  N N 13 
LEU N    N  N N 14 
LEU CA   C  N S 15 
LEU C    C  N N 16 
LEU O    O  N N 17 
LEU CB   C  N N 18 
LEU CG   C  N N 19 
LEU CD1  C  N N 20 
LEU CD2  C  N N 21 
LEU OXT  O  N N 22 
LEU H    H  N N 23 
LEU H2   H  N N 24 
LEU HA   H  N N 25 
LEU HB2  H  N N 26 
LEU HB3  H  N N 27 
LEU HG   H  N N 28 
LEU HD11 H  N N 29 
LEU HD12 H  N N 30 
LEU HD13 H  N N 31 
LEU HD21 H  N N 32 
LEU HD22 H  N N 33 
LEU HD23 H  N N 34 
LEU HXT  H  N N 35 
NA  NA   NA N N 36 
TYR N    N  N N 37 
TYR CA   C  N S 38 
TYR C    C  N N 39 
TYR O    O  N N 40 
TYR CB   C  N N 41 
TYR CG   C  Y N 42 
TYR CD1  C  Y N 43 
TYR CD2  C  Y N 44 
TYR CE1  C  Y N 45 
TYR CE2  C  Y N 46 
TYR CZ   C  Y N 47 
TYR OH   O  N N 48 
TYR OXT  O  N N 49 
TYR H    H  N N 50 
TYR H2   H  N N 51 
TYR HA   H  N N 52 
TYR HB2  H  N N 53 
TYR HB3  H  N N 54 
TYR HD1  H  N N 55 
TYR HD2  H  N N 56 
TYR HE1  H  N N 57 
TYR HE2  H  N N 58 
TYR HH   H  N N 59 
TYR HXT  H  N N 60 
# 
loop_
_chem_comp_bond.comp_id 
_chem_comp_bond.atom_id_1 
_chem_comp_bond.atom_id_2 
_chem_comp_bond.value_order 
_chem_comp_bond.pdbx_aromatic_flag 
_chem_comp_bond.pdbx_stereo_config 
_chem_comp_bond.pdbx_ordinal 
GLY N   CA   sing N N 1  
GLY N   H    sing N N 2  
GLY N   H2   sing N N 3  
GLY CA  C    sing N N 4  
GLY CA  HA2  sing N N 5  
GLY CA  HA3  sing N N 6  
GLY C   O    doub N N 7  
GLY C   OXT  sing N N 8  
GLY OXT HXT  sing N N 9  
HOH O   H1   sing N N 10 
HOH O   H2   sing N N 11 
LEU N   CA   sing N N 12 
LEU N   H    sing N N 13 
LEU N   H2   sing N N 14 
LEU CA  C    sing N N 15 
LEU CA  CB   sing N N 16 
LEU CA  HA   sing N N 17 
LEU C   O    doub N N 18 
LEU C   OXT  sing N N 19 
LEU CB  CG   sing N N 20 
LEU CB  HB2  sing N N 21 
LEU CB  HB3  sing N N 22 
LEU CG  CD1  sing N N 23 
LEU CG  CD2  sing N N 24 
LEU CG  HG   sing N N 25 
LEU CD1 HD11 sing N N 26 
LEU CD1 HD12 sing N N 27 
LEU CD1 HD13 sing N N 28 
LEU CD2 HD21 sing N N 29 
LEU CD2 HD22 sing N N 30 
LEU CD2 HD23 sing N N 31 
LEU OXT HXT  sing N N 32 
TYR N   CA   sing N N 33 
TYR N   H    sing N N 34 
TYR N   H2   sing N N 35 
TYR CA  C    sing N N 36 
TYR CA  CB   sing N N 37 
TYR CA  HA   sing N N 38 
TYR C   O    doub N N 39 
TYR C   OXT  sing N N 40 
TYR CB  CG   sing N N 41 
TYR CB  HB2  sing N N 42 
TYR CB  HB3  sing N N 43 
TYR CG  CD1  doub Y N 44 
TYR CG  CD2  sing Y N 45 
TYR CD1 CE1  sing Y N 46 
TYR CD1 HD1  sing N N 47 
TYR CD2 CE2  doub Y N 48 
TYR CD2 HD2  sing N N 49 
TYR CE1 CZ   doub Y N 50 
TYR CE1 HE1  sing N N 51 
TYR CE2 CZ   sing Y N 52 
TYR CE2 HE2  sing N N 53 
TYR CZ  OH   sing N N 54 
TYR OH  HH   sing N N 55 
TYR OXT HXT  sing N N 56 
# 
_atom_sites.entry_id                    4UBZ 
_atom_sites.fract_transf_matrix[1][1]   0.01078321 
_atom_sites.fract_transf_matrix[1][2]   0.08444932 
_atom_sites.fract_transf_matrix[1][3]   -0.02689083 
_atom_sites.fract_transf_matrix[2][1]   -0.05247324 
_atom_sites.fract_transf_matrix[2][2]   0.00123047 
_atom_sites.fract_transf_matrix[2][3]   -0.01717750 
_atom_sites.fract_transf_matrix[3][1]   -0.01426778 
_atom_sites.fract_transf_matrix[3][2]   0.03258946 
_atom_sites.fract_transf_matrix[3][3]   0.04591921 
_atom_sites.fract_transf_vector[1]      0.330567 
_atom_sites.fract_transf_vector[2]      0.293587 
_atom_sites.fract_transf_vector[3]      0.015519 
# 
loop_
_atom_type.symbol 
C  
N  
NA 
O  
# 
loop_
_atom_site.group_PDB 
_atom_site.id 
_atom_site.type_symbol 
_atom_site.label_atom_id 
_atom_site.label_alt_id 
_atom_site.label_comp_id 
_atom_site.label_asym_id 
_atom_site.label_entity_id 
_atom_site.label_seq_id 
_atom_site.pdbx_PDB_ins_code 
_atom_site.Cartn_x 
_atom_site.Cartn_y 
_atom_site.Cartn_z 
_atom_site.occupancy 
_atom_site.B_iso_or_equiv 
_atom_site.pdbx_formal_charge 
_atom_site.auth_seq_id 
_atom_site.auth_comp_id 
_atom_site.auth_asym_id 
_atom_site.auth_atom_id 
_atom_site.pdbx_PDB_model_num 
ATOM   1  N  N   . GLY A 1 1 ? 0.175  -3.121 12.842  1.00 2.32 ? 126 GLY A N   1 
ATOM   2  C  CA  . GLY A 1 1 ? -0.529 -3.653 11.689  1.00 2.25 ? 126 GLY A CA  1 
ATOM   3  C  C   . GLY A 1 1 ? -0.282 -2.740 10.510  1.00 2.15 ? 126 GLY A C   1 
ATOM   4  O  O   . GLY A 1 1 ? 0.195  -1.616 10.687  1.00 2.42 ? 126 GLY A O   1 
ATOM   5  N  N   . GLY A 1 2 ? -0.600 -3.205 9.309   1.00 1.96 ? 127 GLY A N   1 
ATOM   6  C  CA  . GLY A 1 2 ? -0.380 -2.370 8.144   1.00 2.31 ? 127 GLY A CA  1 
ATOM   7  C  C   . GLY A 1 2 ? -0.971 -2.981 6.898   1.00 1.90 ? 127 GLY A C   1 
ATOM   8  O  O   . GLY A 1 2 ? -1.554 -4.068 6.931   1.00 1.91 ? 127 GLY A O   1 
ATOM   9  N  N   . TYR A 1 3 ? -0.816 -2.272 5.788   1.00 1.57 ? 128 TYR A N   1 
ATOM   10 C  CA  . TYR A 1 3 ? -1.309 -2.765 4.515   1.00 1.69 ? 128 TYR A CA  1 
ATOM   11 C  C   . TYR A 1 3 ? -0.513 -2.095 3.405   1.00 1.67 ? 128 TYR A C   1 
ATOM   12 O  O   . TYR A 1 3 ? 0.068  -1.019 3.585   1.00 1.83 ? 128 TYR A O   1 
ATOM   13 C  CB  . TYR A 1 3 ? -2.834 -2.521 4.358   1.00 1.95 ? 128 TYR A CB  1 
ATOM   14 C  CG  . TYR A 1 3 ? -3.259 -1.100 4.671   1.00 2.24 ? 128 TYR A CG  1 
ATOM   15 C  CD1 . TYR A 1 3 ? -3.589 -0.727 5.969   1.00 2.31 ? 128 TYR A CD1 1 
ATOM   16 C  CD2 . TYR A 1 3 ? -3.311 -0.126 3.675   1.00 2.27 ? 128 TYR A CD2 1 
ATOM   17 C  CE1 . TYR A 1 3 ? -3.951 0.574  6.273   1.00 2.48 ? 128 TYR A CE1 1 
ATOM   18 C  CE2 . TYR A 1 3 ? -3.677 1.176  3.967   1.00 2.47 ? 128 TYR A CE2 1 
ATOM   19 C  CZ  . TYR A 1 3 ? -3.991 1.523  5.262   1.00 2.36 ? 128 TYR A CZ  1 
ATOM   20 O  OH  . TYR A 1 3 ? -4.330 2.830  5.539   1.00 2.82 ? 128 TYR A OH  1 
ATOM   21 N  N   . LEU A 1 4 ? -0.481 -2.764 2.264   1.00 1.54 ? 129 LEU A N   1 
ATOM   22 C  CA  . LEU A 1 4 ? 0.248  -2.311 1.090   1.00 2.21 ? 129 LEU A CA  1 
ATOM   23 C  C   . LEU A 1 4 ? -0.545 -2.730 -0.138  1.00 2.31 ? 129 LEU A C   1 
ATOM   24 O  O   . LEU A 1 4 ? -1.039 -3.854 -0.181  1.00 3.17 ? 129 LEU A O   1 
ATOM   25 C  CB  . LEU A 1 4 ? 1.651  -2.932 1.066   1.00 3.59 ? 129 LEU A CB  1 
ATOM   26 C  CG  . LEU A 1 4 ? 2.559  -2.682 -0.139  1.00 4.92 ? 129 LEU A CG  1 
ATOM   27 C  CD1 . LEU A 1 4 ? 2.893  -1.196 -0.256  1.00 5.07 ? 129 LEU A CD1 1 
ATOM   28 C  CD2 . LEU A 1 4 ? 3.841  -3.514 -0.033  1.00 6.08 ? 129 LEU A CD2 1 
ATOM   29 N  N   . LEU A 1 5 ? -0.694 -1.829 -1.109  1.00 1.81 ? 130 LEU A N   1 
ATOM   30 C  CA  . LEU A 1 5 ? -1.221 -2.169 -2.431  1.00 1.81 ? 130 LEU A CA  1 
ATOM   31 C  C   . LEU A 1 5 ? -0.248 -1.668 -3.484  1.00 1.59 ? 130 LEU A C   1 
ATOM   32 O  O   . LEU A 1 5 ? 0.349  -0.598 -3.311  1.00 1.45 ? 130 LEU A O   1 
ATOM   33 C  CB  . LEU A 1 5 ? -2.597 -1.546 -2.677  1.00 2.16 ? 130 LEU A CB  1 
ATOM   34 C  CG  . LEU A 1 5 ? -3.737 -1.948 -1.742  1.00 3.22 ? 130 LEU A CG  1 
ATOM   35 C  CD1 . LEU A 1 5 ? -5.002 -1.160 -2.070  1.00 3.81 ? 130 LEU A CD1 1 
ATOM   36 C  CD2 . LEU A 1 5 ? -4.004 -3.453 -1.819  1.00 3.82 ? 130 LEU A CD2 1 
ATOM   37 N  N   . GLY A 1 6 ? -0.105 -2.423 -4.574  1.00 1.92 ? 131 GLY A N   1 
ATOM   38 C  CA  . GLY A 1 6 ? 0.750  -2.023 -5.683  1.00 2.29 ? 131 GLY A CA  1 
ATOM   39 C  C   . GLY A 1 6 ? 0.241  -2.523 -7.024  1.00 2.48 ? 131 GLY A C   1 
ATOM   40 O  O   . GLY A 1 6 ? -0.637 -3.402 -7.084  1.00 2.56 ? 131 GLY A O   1 
ATOM   41 O  OXT . GLY A 1 6 ? 0.716  -2.026 -8.060  1.00 3.33 ? 131 GLY A OXT 1 
ATOM   42 N  N   . GLY B 1 1 ? 0.950  3.339  -12.712 1.00 3.08 ? 126 GLY B N   1 
ATOM   43 C  CA  . GLY B 1 1 ? 0.267  2.739  -11.570 1.00 3.11 ? 126 GLY B CA  1 
ATOM   44 C  C   . GLY B 1 1 ? 0.747  3.408  -10.310 1.00 3.14 ? 126 GLY B C   1 
ATOM   45 O  O   . GLY B 1 1 ? 1.047  4.599  -10.329 1.00 4.41 ? 126 GLY B O   1 
ATOM   46 N  N   . GLY B 1 2 ? 0.835  2.666  -9.215  1.00 2.50 ? 127 GLY B N   1 
ATOM   47 C  CA  . GLY B 1 2 ? 1.299  3.276  -7.993  1.00 2.72 ? 127 GLY B CA  1 
ATOM   48 C  C   . GLY B 1 2 ? 1.276  2.345  -6.805  1.00 2.12 ? 127 GLY B C   1 
ATOM   49 O  O   . GLY B 1 2 ? 1.253  1.120  -6.957  1.00 1.87 ? 127 GLY B O   1 
ATOM   50 N  N   . TYR B 1 3 ? 1.282  2.958  -5.628  1.00 1.52 ? 128 TYR B N   1 
ATOM   51 C  CA  . TYR B 1 3 ? 1.331  2.251  -4.358  1.00 1.39 ? 128 TYR B CA  1 
ATOM   52 C  C   . TYR B 1 3 ? 0.517  2.972  -3.309  1.00 1.59 ? 128 TYR B C   1 
ATOM   53 O  O   . TYR B 1 3 ? 0.422  4.200  -3.315  1.00 1.57 ? 128 TYR B O   1 
ATOM   54 C  CB  . TYR B 1 3 ? 2.765  2.131  -3.835  1.00 1.77 ? 128 TYR B CB  1 
ATOM   55 C  CG  . TYR B 1 3 ? 3.684  1.372  -4.741  1.00 1.92 ? 128 TYR B CG  1 
ATOM   56 C  CD1 . TYR B 1 3 ? 3.564  -0.005 -4.879  1.00 2.21 ? 128 TYR B CD1 1 
ATOM   57 C  CD2 . TYR B 1 3 ? 4.674  2.026  -5.461  1.00 2.25 ? 128 TYR B CD2 1 
ATOM   58 C  CE1 . TYR B 1 3 ? 4.404  -0.711 -5.723  1.00 2.05 ? 128 TYR B CE1 1 
ATOM   59 C  CE2 . TYR B 1 3 ? 5.520  1.335  -6.297  1.00 2.37 ? 128 TYR B CE2 1 
ATOM   60 C  CZ  . TYR B 1 3 ? 5.379  -0.030 -6.431  1.00 2.27 ? 128 TYR B CZ  1 
ATOM   61 O  OH  . TYR B 1 3 ? 6.234  -0.717 -7.267  1.00 2.63 ? 128 TYR B OH  1 
ATOM   62 N  N   . LEU B 1 4 ? -0.021 2.188  -2.380  1.00 1.46 ? 129 LEU B N   1 
ATOM   63 C  CA  . LEU B 1 4 ? -0.623 2.695  -1.158  1.00 1.50 ? 129 LEU B CA  1 
ATOM   64 C  C   . LEU B 1 4 ? -0.003 1.955  0.015   1.00 1.69 ? 129 LEU B C   1 
ATOM   65 O  O   . LEU B 1 4 ? 0.045  0.728  -0.004  1.00 2.25 ? 129 LEU B O   1 
ATOM   66 C  CB  . LEU B 1 4 ? -2.139 2.487  -1.160  1.00 2.33 ? 129 LEU B CB  1 
ATOM   67 C  CG  . LEU B 1 4 ? -2.853 2.918  0.122   1.00 3.21 ? 129 LEU B CG  1 
ATOM   68 C  CD1 . LEU B 1 4 ? -2.796 4.436  0.270   1.00 3.50 ? 129 LEU B CD1 1 
ATOM   69 C  CD2 . LEU B 1 4 ? -4.280 2.409  0.132   1.00 3.93 ? 129 LEU B CD2 1 
ATOM   70 N  N   . LEU B 1 5 ? 0.460  2.696  1.023   1.00 1.50 ? 130 LEU B N   1 
ATOM   71 C  CA  . LEU B 1 5 ? 1.023  2.112  2.231   1.00 1.47 ? 130 LEU B CA  1 
ATOM   72 C  C   . LEU B 1 5 ? 0.295  2.668  3.445   1.00 1.57 ? 130 LEU B C   1 
ATOM   73 O  O   . LEU B 1 5 ? 0.189  3.885  3.605   1.00 1.89 ? 130 LEU B O   1 
ATOM   74 C  CB  . LEU B 1 5 ? 2.521  2.420  2.333   1.00 1.93 ? 130 LEU B CB  1 
ATOM   75 C  CG  . LEU B 1 5 ? 3.217  1.929  3.606   1.00 2.68 ? 130 LEU B CG  1 
ATOM   76 C  CD1 . LEU B 1 5 ? 3.419  0.420  3.571   1.00 3.30 ? 130 LEU B CD1 1 
ATOM   77 C  CD2 . LEU B 1 5 ? 4.546  2.650  3.792   1.00 3.17 ? 130 LEU B CD2 1 
ATOM   78 N  N   . GLY B 1 6 ? -0.203 1.785  4.304   1.00 1.68 ? 131 GLY B N   1 
ATOM   79 C  CA  . GLY B 1 6 ? -0.857 2.218  5.524   1.00 1.93 ? 131 GLY B CA  1 
ATOM   80 C  C   . GLY B 1 6 ? 0.081  2.813  6.543   1.00 2.38 ? 131 GLY B C   1 
ATOM   81 O  O   . GLY B 1 6 ? -0.388 3.605  7.375   1.00 3.16 ? 131 GLY B O   1 
ATOM   82 O  OXT . GLY B 1 6 ? 1.279  2.495  6.531   1.00 2.55 ? 131 GLY B OXT 1 
HETATM 83 NA NA  . NA  C 2 . ? -1.785 1.158  9.218   1.00 3.29 ? 201 NA  B NA  1 
HETATM 84 O  O   . HOH D 3 . ? -0.265 0.077  -9.670  1.00 3.08 ? 201 HOH A O   1 
HETATM 85 O  O   . HOH D 3 . ? -0.260 -0.282 13.628  1.00 6.80 ? 202 HOH A O   1 
HETATM 86 O  O   . HOH D 3 . ? 0.466  1.444  11.583  1.00 6.73 ? 203 HOH A O   1 
HETATM 87 O  O   . HOH D 3 . ? -2.952 -1.544 12.732  1.00 7.11 ? 204 HOH A O   1 
HETATM 88 O  O   A HOH D 3 . ? -3.602 -1.155 9.801   0.47 3.05 ? 205 HOH A O   1 
HETATM 89 O  O   B HOH D 3 . ? -3.108 -0.515 9.738   0.53 6.77 ? 205 HOH A O   1 
HETATM 90 O  O   . HOH E 3 . ? -2.312 5.586  7.113   1.00 6.04 ? 301 HOH B O   1 
HETATM 91 O  O   . HOH E 3 . ? 1.400  -0.290 6.377   1.00 4.01 ? 302 HOH B O   1 
HETATM 92 O  O   . HOH E 3 . ? -1.945 5.690  4.172   1.00 4.02 ? 303 HOH B O   1 
HETATM 93 O  O   . HOH E 3 . ? 7.488  -2.287 -5.171  1.00 4.63 ? 304 HOH B O   1 
# 
loop_
_atom_site_anisotrop.id 
_atom_site_anisotrop.type_symbol 
_atom_site_anisotrop.pdbx_label_atom_id 
_atom_site_anisotrop.pdbx_label_alt_id 
_atom_site_anisotrop.pdbx_label_comp_id 
_atom_site_anisotrop.pdbx_label_asym_id 
_atom_site_anisotrop.pdbx_label_seq_id 
_atom_site_anisotrop.pdbx_PDB_ins_code 
_atom_site_anisotrop.U[1][1] 
_atom_site_anisotrop.U[2][2] 
_atom_site_anisotrop.U[3][3] 
_atom_site_anisotrop.U[1][2] 
_atom_site_anisotrop.U[1][3] 
_atom_site_anisotrop.U[2][3] 
_atom_site_anisotrop.pdbx_auth_seq_id 
_atom_site_anisotrop.pdbx_auth_comp_id 
_atom_site_anisotrop.pdbx_auth_asym_id 
_atom_site_anisotrop.pdbx_auth_atom_id 
1  N  N   . GLY A 1 ? 0.0266 0.0369 0.0247 -0.0115 -0.0096 -0.0008 126 GLY A N   
2  C  CA  . GLY A 1 ? 0.0255 0.0341 0.0259 -0.0135 -0.0076 0.0009  126 GLY A CA  
3  C  C   . GLY A 1 ? 0.0240 0.0330 0.0248 -0.0108 -0.0030 0.0007  126 GLY A C   
4  O  O   . GLY A 1 ? 0.0306 0.0302 0.0311 -0.0100 0.0001  0.0012  126 GLY A O   
5  N  N   . GLY A 2 ? 0.0283 0.0288 0.0175 -0.0069 -0.0049 0.0019  127 GLY A N   
6  C  CA  . GLY A 2 ? 0.0339 0.0374 0.0166 -0.0065 -0.0034 0.0039  127 GLY A CA  
7  C  C   . GLY A 2 ? 0.0283 0.0256 0.0182 -0.0044 -0.0026 0.0018  127 GLY A C   
8  O  O   . GLY A 2 ? 0.0286 0.0245 0.0195 -0.0086 -0.0036 0.0014  127 GLY A O   
9  N  N   . TYR A 3 ? 0.0228 0.0183 0.0188 0.0009  0.0001  0.0011  128 TYR A N   
10 C  CA  . TYR A 3 ? 0.0256 0.0182 0.0205 -0.0030 -0.0021 0.0011  128 TYR A CA  
11 C  C   . TYR A 3 ? 0.0268 0.0158 0.0209 -0.0022 -0.0024 0.0034  128 TYR A C   
12 O  O   . TYR A 3 ? 0.0311 0.0161 0.0225 -0.0071 -0.0026 0.0004  128 TYR A O   
13 C  CB  . TYR A 3 ? 0.0223 0.0272 0.0244 -0.0016 -0.0047 -0.0004 128 TYR A CB  
14 C  CG  . TYR A 3 ? 0.0206 0.0356 0.0289 -0.0003 -0.0065 -0.0005 128 TYR A CG  
15 C  CD1 . TYR A 3 ? 0.0172 0.0419 0.0287 -0.0032 -0.0021 0.0004  128 TYR A CD1 
16 C  CD2 . TYR A 3 ? 0.0220 0.0351 0.0293 0.0036  -0.0096 -0.0019 128 TYR A CD2 
17 C  CE1 . TYR A 3 ? 0.0189 0.0412 0.0340 0.0002  -0.0017 -0.0007 128 TYR A CE1 
18 C  CE2 . TYR A 3 ? 0.0240 0.0346 0.0351 0.0054  -0.0090 -0.0046 128 TYR A CE2 
19 C  CZ  . TYR A 3 ? 0.0244 0.0276 0.0377 0.0049  -0.0036 -0.0046 128 TYR A CZ  
20 O  OH  . TYR A 3 ? 0.0300 0.0372 0.0401 0.0093  0.0008  -0.0041 128 TYR A OH  
21 N  N   . LEU A 4 ? 0.0224 0.0222 0.0140 -0.0035 0.0010  0.0049  129 LEU A N   
22 C  CA  . LEU A 4 ? 0.0308 0.0299 0.0233 -0.0052 0.0029  0.0061  129 LEU A CA  
23 C  C   . LEU A 4 ? 0.0428 0.0234 0.0215 -0.0070 -0.0014 0.0021  129 LEU A C   
24 O  O   . LEU A 4 ? 0.0649 0.0299 0.0256 -0.0192 -0.0071 -0.0017 129 LEU A O   
25 C  CB  . LEU A 4 ? 0.0358 0.0527 0.0475 0.0002  0.0118  0.0101  129 LEU A CB  
26 C  CG  . LEU A 4 ? 0.0445 0.0659 0.0766 0.0027  0.0156  0.0056  129 LEU A CG  
27 C  CD1 . LEU A 4 ? 0.0476 0.0555 0.0897 -0.0079 0.0126  -0.0029 129 LEU A CD1 
28 C  CD2 . LEU A 4 ? 0.0532 0.0876 0.0901 0.0121  0.0198  0.0056  129 LEU A CD2 
29 N  N   . LEU A 5 ? 0.0281 0.0257 0.0148 0.0025  -0.0023 0.0055  130 LEU A N   
30 C  CA  . LEU A 5 ? 0.0215 0.0239 0.0232 -0.0025 0.0000  0.0046  130 LEU A CA  
31 C  C   . LEU A 5 ? 0.0255 0.0177 0.0172 0.0010  -0.0051 0.0041  130 LEU A C   
32 O  O   . LEU A 5 ? 0.0225 0.0142 0.0182 -0.0057 -0.0060 0.0009  130 LEU A O   
33 C  CB  . LEU A 5 ? 0.0196 0.0299 0.0325 -0.0034 0.0009  0.0049  130 LEU A CB  
34 C  CG  . LEU A 5 ? 0.0273 0.0432 0.0518 -0.0059 0.0048  -0.0013 130 LEU A CG  
35 C  CD1 . LEU A 5 ? 0.0314 0.0568 0.0567 0.0012  0.0038  -0.0045 130 LEU A CD1 
36 C  CD2 . LEU A 5 ? 0.0310 0.0457 0.0683 -0.0095 0.0067  -0.0032 130 LEU A CD2 
37 N  N   . GLY A 6 ? 0.0311 0.0238 0.0181 -0.0039 0.0023  -0.0003 131 GLY A N   
38 C  CA  . GLY A 6 ? 0.0331 0.0333 0.0206 -0.0077 0.0062  -0.0022 131 GLY A CA  
39 C  C   . GLY A 6 ? 0.0365 0.0292 0.0284 -0.0052 0.0036  -0.0011 131 GLY A C   
40 O  O   . GLY A 6 ? 0.0405 0.0316 0.0250 -0.0022 -0.0030 0.0023  131 GLY A O   
41 O  OXT . GLY A 6 ? 0.0483 0.0446 0.0338 -0.0045 0.0031  -0.0076 131 GLY A OXT 
42 N  N   . GLY B 1 ? 0.0645 0.0306 0.0221 -0.0001 0.0014  0.0066  126 GLY B N   
43 C  CA  . GLY B 1 ? 0.0696 0.0300 0.0186 -0.0004 -0.0017 0.0037  126 GLY B CA  
44 C  C   . GLY B 1 ? 0.0761 0.0198 0.0233 -0.0032 -0.0018 0.0011  126 GLY B C   
45 O  O   . GLY B 1 ? 0.1047 0.0339 0.0291 -0.0100 -0.0058 0.0025  126 GLY B O   
46 N  N   . GLY B 2 ? 0.0564 0.0239 0.0147 0.0004  0.0002  0.0024  127 GLY B N   
47 C  CA  . GLY B 2 ? 0.0530 0.0362 0.0140 0.0003  -0.0033 0.0031  127 GLY B CA  
48 C  C   . GLY B 2 ? 0.0370 0.0263 0.0174 -0.0010 0.0001  -0.0001 127 GLY B C   
49 O  O   . GLY B 2 ? 0.0343 0.0152 0.0216 0.0036  -0.0005 -0.0020 127 GLY B O   
50 N  N   . TYR B 3 ? 0.0233 0.0199 0.0144 -0.0048 -0.0032 -0.0003 128 TYR B N   
51 C  CA  . TYR B 3 ? 0.0187 0.0172 0.0167 -0.0020 -0.0039 -0.0001 128 TYR B CA  
52 C  C   . TYR B 3 ? 0.0209 0.0180 0.0215 -0.0059 -0.0048 -0.0025 128 TYR B C   
53 O  O   . TYR B 3 ? 0.0262 0.0125 0.0209 -0.0040 -0.0055 -0.0007 128 TYR B O   
54 C  CB  . TYR B 3 ? 0.0196 0.0274 0.0201 -0.0006 -0.0062 -0.0061 128 TYR B CB  
55 C  CG  . TYR B 3 ? 0.0214 0.0291 0.0224 0.0027  -0.0068 -0.0040 128 TYR B CG  
56 C  CD1 . TYR B 3 ? 0.0265 0.0353 0.0223 0.0070  -0.0063 -0.0050 128 TYR B CD1 
57 C  CD2 . TYR B 3 ? 0.0235 0.0374 0.0245 -0.0041 -0.0008 -0.0031 128 TYR B CD2 
58 C  CE1 . TYR B 3 ? 0.0222 0.0301 0.0257 -0.0016 0.0014  -0.0031 128 TYR B CE1 
59 C  CE2 . TYR B 3 ? 0.0247 0.0358 0.0298 -0.0036 -0.0009 -0.0068 128 TYR B CE2 
60 C  CZ  . TYR B 3 ? 0.0225 0.0361 0.0278 0.0006  0.0043  -0.0042 128 TYR B CZ  
61 O  OH  . TYR B 3 ? 0.0275 0.0411 0.0311 0.0047  0.0078  -0.0016 128 TYR B OH  
62 N  N   . LEU B 4 ? 0.0180 0.0174 0.0201 -0.0079 0.0015  -0.0023 129 LEU B N   
63 C  CA  . LEU B 4 ? 0.0188 0.0180 0.0203 -0.0038 -0.0001 -0.0010 129 LEU B CA  
64 C  C   . LEU B 4 ? 0.0211 0.0202 0.0230 -0.0010 -0.0036 0.0027  129 LEU B C   
65 O  O   . LEU B 4 ? 0.0382 0.0227 0.0245 0.0008  -0.0103 0.0014  129 LEU B O   
66 C  CB  . LEU B 4 ? 0.0199 0.0443 0.0243 -0.0046 0.0032  -0.0017 129 LEU B CB  
67 C  CG  . LEU B 4 ? 0.0263 0.0624 0.0332 -0.0005 0.0045  -0.0064 129 LEU B CG  
68 C  CD1 . LEU B 4 ? 0.0324 0.0632 0.0373 0.0086  0.0050  -0.0099 129 LEU B CD1 
69 C  CD2 . LEU B 4 ? 0.0284 0.0875 0.0333 -0.0070 0.0071  -0.0052 129 LEU B CD2 
70 N  N   . LEU B 5 ? 0.0170 0.0160 0.0238 0.0012  -0.0058 0.0056  130 LEU B N   
71 C  CA  . LEU B 5 ? 0.0128 0.0194 0.0236 0.0018  -0.0054 0.0045  130 LEU B CA  
72 C  C   . LEU B 5 ? 0.0143 0.0192 0.0261 -0.0017 -0.0037 -0.0003 130 LEU B C   
73 O  O   . LEU B 5 ? 0.0212 0.0224 0.0280 -0.0038 -0.0022 -0.0006 130 LEU B O   
74 C  CB  . LEU B 5 ? 0.0137 0.0278 0.0320 -0.0010 -0.0075 0.0106  130 LEU B CB  
75 C  CG  . LEU B 5 ? 0.0178 0.0356 0.0483 -0.0051 -0.0101 0.0125  130 LEU B CG  
76 C  CD1 . LEU B 5 ? 0.0246 0.0416 0.0592 0.0013  -0.0120 0.0135  130 LEU B CD1 
77 C  CD2 . LEU B 5 ? 0.0230 0.0478 0.0495 -0.0100 -0.0127 0.0149  130 LEU B CD2 
78 N  N   . GLY B 6 ? 0.0135 0.0226 0.0276 -0.0016 0.0004  -0.0022 131 GLY B N   
79 C  CA  . GLY B 6 ? 0.0181 0.0228 0.0324 -0.0047 0.0007  -0.0071 131 GLY B CA  
80 C  C   . GLY B 6 ? 0.0223 0.0303 0.0379 0.0011  0.0007  -0.0075 131 GLY B C   
81 O  O   . GLY B 6 ? 0.0302 0.0512 0.0385 0.0027  0.0000  -0.0132 131 GLY B O   
82 O  OXT . GLY B 6 ? 0.0251 0.0344 0.0373 -0.0041 -0.0032 -0.0064 131 GLY B OXT 
83 NA NA  . NA  C . ? 0.0469 0.0359 0.0423 0.0040  -0.0043 -0.0022 201 NA  B NA  
84 O  O   . HOH D . ? 0.0435 0.0242 0.0495 0.0004  -0.0126 -0.0006 201 HOH A O   
85 O  O   . HOH D . ? 0.1493 0.0456 0.0632 0.0221  0.0057  -0.0021 202 HOH A O   
86 O  O   . HOH D . ? 0.0735 0.0697 0.1126 0.0166  0.0291  -0.0244 203 HOH A O   
87 O  O   . HOH D . ? 0.0716 0.1023 0.0962 -0.0072 0.0112  -0.0015 204 HOH A O   
88 O  O   A HOH D . ? 0.0321 0.0299 0.0541 0.0001  0.0141  0.0176  205 HOH A O   
89 O  O   B HOH D . ? 0.0930 0.1184 0.0457 0.0599  -0.0103 -0.0147 205 HOH A O   
90 O  O   . HOH E . ? 0.0512 0.0996 0.0786 0.0142  0.0008  -0.0064 301 HOH B O   
91 O  O   . HOH E . ? 0.0599 0.0391 0.0533 -0.0084 -0.0233 0.0065  302 HOH B O   
92 O  O   . HOH E . ? 0.0352 0.0602 0.0574 0.0048  -0.0101 -0.0033 303 HOH B O   
93 O  O   . HOH E . ? 0.0513 0.0819 0.0429 0.0157  -0.0038 -0.0055 304 HOH B O   
# 
